data_6UQX
#
_entry.id   6UQX
#
_cell.length_a   45.599
_cell.length_b   81.489
_cell.length_c   81.373
_cell.angle_alpha   90.000
_cell.angle_beta   100.110
_cell.angle_gamma   90.000
#
_symmetry.space_group_name_H-M   'P 1 21 1'
#
loop_
_entity.id
_entity.type
_entity.pdbx_description
1 polymer ChoE
2 non-polymer propionylthiocholine
3 non-polymer 'IODIDE ION'
4 non-polymer 'PROPANOIC ACID'
5 non-polymer '2-(TRIMETHYLAMMONIUM)ETHYL THIOL'
6 water water
#
_entity_poly.entity_id   1
_entity_poly.type   'polypeptide(L)'
_entity_poly.pdbx_seq_one_letter_code
;HTSPLLAPVRQIHAFGDSYSDNGESQRLTREMLAKGIAGAQALPGEVYWQGRWSNGPTAVEVLARQLGAQLADHAVGGAK
SGADNYYGWMSAYRHTGLAGQVDAYLATLDGKPVDGQALHFIFVSANDFFEHEDFAGEQPLEQLAGSSVANIRAAVQRLG
EAGARRFLVVSSTDLSVVPAVVAGNRVERAQRYLQAVNASLPIQLAALRKTRGLELSWFDHLTFSRHLRRNPARYGLVEL
DAPCQPTQPSVRPACANPDQYYFWDEWHPTRRVHQLAGEAMAARYAR
;
_entity_poly.pdbx_strand_id   A,B
#
loop_
_chem_comp.id
_chem_comp.type
_chem_comp.name
_chem_comp.formula
ETM non-polymer '2-(TRIMETHYLAMMONIUM)ETHYL THIOL' 'C5 H14 N S 1'
IOD non-polymer 'IODIDE ION' 'I -1'
PPI non-polymer 'PROPANOIC ACID' 'C3 H6 O2'
QFJ non-polymer propionylthiocholine 'C8 H18 N O S 1'
#
# COMPACT_ATOMS: atom_id res chain seq x y z
N SER A 3 7.70 -21.31 4.74
CA SER A 3 7.21 -20.38 3.64
C SER A 3 7.13 -18.92 4.11
N PRO A 4 7.68 -18.01 3.34
CA PRO A 4 7.78 -16.62 3.78
C PRO A 4 6.40 -15.96 3.92
N LEU A 5 6.26 -15.05 4.86
CA LEU A 5 5.05 -14.31 4.98
C LEU A 5 4.82 -13.46 3.72
N LEU A 6 3.56 -13.19 3.37
CA LEU A 6 3.26 -12.37 2.22
C LEU A 6 3.47 -10.91 2.64
N ALA A 7 3.53 -10.04 1.67
CA ALA A 7 3.78 -8.64 1.84
C ALA A 7 2.66 -7.98 2.66
N PRO A 8 2.95 -6.84 3.28
CA PRO A 8 1.93 -6.16 4.05
C PRO A 8 0.74 -5.71 3.21
N VAL A 9 -0.30 -5.36 3.94
CA VAL A 9 -1.59 -4.95 3.38
C VAL A 9 -1.96 -3.62 4.02
N ARG A 10 -2.28 -2.66 3.19
CA ARG A 10 -2.70 -1.29 3.64
C ARG A 10 -4.13 -0.96 3.29
N GLN A 11 -4.70 -1.71 2.34
CA GLN A 11 -6.10 -1.52 1.95
C GLN A 11 -6.72 -2.89 1.67
N ILE A 12 -7.89 -3.10 2.24
CA ILE A 12 -8.74 -4.28 1.93
C ILE A 12 -10.04 -3.82 1.27
N HIS A 13 -10.40 -4.52 0.22
CA HIS A 13 -11.76 -4.49 -0.37
C HIS A 13 -12.43 -5.84 -0.06
N ALA A 14 -13.47 -5.79 0.75
CA ALA A 14 -14.10 -7.03 1.21
C ALA A 14 -15.44 -7.29 0.46
N PHE A 15 -15.64 -8.56 0.09
CA PHE A 15 -16.80 -9.00 -0.65
C PHE A 15 -17.35 -10.24 0.03
N GLY A 16 -18.68 -10.34 0.18
CA GLY A 16 -19.24 -11.50 0.93
C GLY A 16 -20.59 -11.22 1.56
N ASP A 17 -20.87 -11.92 2.68
CA ASP A 17 -22.19 -12.01 3.21
C ASP A 17 -22.15 -11.42 4.66
N SER A 18 -23.02 -11.96 5.52
CA SER A 18 -23.17 -11.42 6.91
CA SER A 18 -23.24 -11.55 6.95
C SER A 18 -22.00 -11.85 7.78
N TYR A 19 -21.20 -12.79 7.31
CA TYR A 19 -19.97 -13.10 8.05
C TYR A 19 -18.91 -11.99 7.88
N SER A 20 -19.07 -11.05 6.96
CA SER A 20 -18.12 -9.90 6.79
C SER A 20 -18.80 -8.52 6.90
N ASP A 21 -20.08 -8.46 6.58
CA ASP A 21 -20.87 -7.19 6.45
C ASP A 21 -20.62 -6.29 7.64
N ASN A 22 -20.29 -5.03 7.42
CA ASN A 22 -20.11 -4.15 8.54
C ASN A 22 -21.05 -2.94 8.48
N GLY A 23 -22.20 -3.09 7.81
CA GLY A 23 -23.13 -2.02 7.76
C GLY A 23 -23.91 -1.91 6.45
N GLU A 24 -23.52 -2.63 5.39
CA GLU A 24 -24.19 -2.48 4.12
C GLU A 24 -25.62 -3.00 4.17
N SER A 25 -25.91 -4.16 4.77
CA SER A 25 -27.31 -4.62 4.71
C SER A 25 -28.17 -3.59 5.48
N GLN A 26 -27.64 -2.97 6.50
CA GLN A 26 -28.41 -1.97 7.28
C GLN A 26 -28.70 -0.75 6.41
N ARG A 27 -27.69 -0.28 5.71
CA ARG A 27 -27.86 0.94 4.88
C ARG A 27 -28.86 0.60 3.76
N LEU A 28 -28.62 -0.52 3.08
CA LEU A 28 -29.38 -0.87 1.91
C LEU A 28 -30.83 -1.13 2.30
N THR A 29 -31.09 -1.84 3.42
CA THR A 29 -32.46 -2.14 3.72
C THR A 29 -33.17 -0.84 4.13
N ARG A 30 -32.47 0.14 4.72
CA ARG A 30 -33.22 1.38 5.10
C ARG A 30 -33.61 2.10 3.80
N GLU A 31 -32.72 2.10 2.83
CA GLU A 31 -33.04 2.66 1.51
C GLU A 31 -34.23 1.91 0.87
N MET A 32 -34.27 0.56 0.98
CA MET A 32 -35.35 -0.20 0.42
C MET A 32 -36.67 0.09 1.15
N LEU A 33 -36.59 0.24 2.49
CA LEU A 33 -37.75 0.58 3.26
C LEU A 33 -38.24 1.98 2.86
N ALA A 34 -37.34 2.92 2.76
CA ALA A 34 -37.78 4.31 2.44
C ALA A 34 -38.43 4.36 1.06
N LYS A 35 -37.93 3.57 0.12
CA LYS A 35 -38.47 3.56 -1.20
C LYS A 35 -39.76 2.72 -1.30
N GLY A 36 -40.12 1.94 -0.31
CA GLY A 36 -41.34 1.19 -0.36
C GLY A 36 -41.17 -0.13 -1.11
N ILE A 37 -40.00 -0.75 -1.12
CA ILE A 37 -39.93 -1.97 -1.95
C ILE A 37 -40.62 -3.15 -1.23
N ALA A 38 -41.41 -3.88 -1.99
CA ALA A 38 -42.30 -4.84 -1.46
C ALA A 38 -41.53 -5.96 -0.74
N GLY A 39 -41.89 -6.24 0.53
CA GLY A 39 -41.29 -7.34 1.31
C GLY A 39 -40.04 -6.93 2.09
N ALA A 40 -39.60 -5.65 1.95
CA ALA A 40 -38.39 -5.16 2.62
C ALA A 40 -38.52 -5.28 4.15
N GLN A 41 -37.42 -5.59 4.82
CA GLN A 41 -37.36 -5.62 6.30
C GLN A 41 -36.06 -4.92 6.71
N ALA A 42 -36.06 -4.33 7.90
CA ALA A 42 -34.87 -3.71 8.48
C ALA A 42 -33.90 -4.80 8.92
N LEU A 43 -32.75 -4.84 8.29
CA LEU A 43 -31.77 -5.83 8.61
C LEU A 43 -30.57 -5.08 9.17
N PRO A 44 -29.79 -5.74 10.05
CA PRO A 44 -29.99 -7.06 10.61
C PRO A 44 -31.11 -7.14 11.64
N GLY A 45 -31.39 -6.04 12.36
CA GLY A 45 -32.39 -6.06 13.42
C GLY A 45 -31.87 -5.41 14.70
N GLU A 46 -32.64 -5.61 15.74
CA GLU A 46 -32.55 -4.92 17.01
C GLU A 46 -31.44 -5.55 17.85
N VAL A 47 -31.19 -6.86 17.68
CA VAL A 47 -30.34 -7.50 18.69
C VAL A 47 -28.94 -7.70 18.12
N TYR A 48 -28.45 -6.74 17.35
CA TYR A 48 -27.18 -6.81 16.69
C TYR A 48 -26.41 -5.53 16.97
N TRP A 49 -25.09 -5.61 16.85
CA TRP A 49 -24.20 -4.48 17.19
C TRP A 49 -23.92 -3.61 15.93
N GLN A 50 -24.51 -2.41 15.89
CA GLN A 50 -24.11 -1.37 14.97
C GLN A 50 -24.08 -1.93 13.53
N GLY A 51 -25.12 -2.64 13.15
CA GLY A 51 -25.30 -3.10 11.76
C GLY A 51 -24.59 -4.40 11.44
N ARG A 52 -23.70 -4.89 12.30
CA ARG A 52 -23.03 -6.19 12.03
C ARG A 52 -24.04 -7.31 12.38
N TRP A 53 -23.92 -8.47 11.75
CA TRP A 53 -24.77 -9.54 12.08
C TRP A 53 -24.13 -10.36 13.22
N SER A 54 -23.77 -9.66 14.26
CA SER A 54 -23.08 -10.28 15.42
C SER A 54 -23.13 -9.26 16.57
N ASN A 55 -22.41 -9.56 17.68
CA ASN A 55 -22.43 -8.62 18.77
C ASN A 55 -21.10 -7.85 18.80
N GLY A 56 -20.42 -7.69 17.67
CA GLY A 56 -19.14 -6.99 17.60
C GLY A 56 -18.57 -7.07 16.17
N PRO A 57 -17.34 -6.59 15.96
CA PRO A 57 -16.68 -6.46 14.66
C PRO A 57 -16.63 -7.83 14.00
N THR A 58 -16.78 -7.88 12.69
CA THR A 58 -16.58 -9.17 11.93
C THR A 58 -15.10 -9.46 11.73
N ALA A 59 -14.83 -10.68 11.25
CA ALA A 59 -13.51 -11.16 11.12
C ALA A 59 -12.70 -10.26 10.18
N VAL A 60 -13.25 -9.83 9.10
CA VAL A 60 -12.45 -9.02 8.18
C VAL A 60 -12.13 -7.66 8.80
N GLU A 61 -12.99 -7.14 9.65
CA GLU A 61 -12.61 -5.93 10.30
C GLU A 61 -11.44 -6.16 11.26
N VAL A 62 -11.44 -7.29 11.98
CA VAL A 62 -10.33 -7.62 12.84
C VAL A 62 -9.03 -7.77 12.02
N LEU A 63 -9.15 -8.43 10.89
CA LEU A 63 -8.02 -8.67 10.00
C LEU A 63 -7.42 -7.31 9.59
N ALA A 64 -8.27 -6.38 9.22
CA ALA A 64 -7.78 -5.05 8.80
C ALA A 64 -6.99 -4.40 9.95
N ARG A 65 -7.47 -4.58 11.16
CA ARG A 65 -6.87 -4.01 12.34
C ARG A 65 -5.51 -4.64 12.57
N GLN A 66 -5.52 -5.97 12.55
CA GLN A 66 -4.33 -6.75 12.70
C GLN A 66 -3.23 -6.36 11.68
N LEU A 67 -3.59 -6.08 10.45
CA LEU A 67 -2.60 -5.84 9.37
C LEU A 67 -2.25 -4.34 9.26
N GLY A 68 -2.96 -3.44 9.95
CA GLY A 68 -2.82 -2.00 9.76
C GLY A 68 -3.40 -1.53 8.43
N ALA A 69 -4.52 -2.11 8.05
CA ALA A 69 -5.11 -1.76 6.81
C ALA A 69 -6.39 -0.96 7.00
N GLN A 70 -6.68 -0.15 6.02
CA GLN A 70 -7.99 0.41 5.82
C GLN A 70 -8.90 -0.65 5.18
N LEU A 71 -10.20 -0.57 5.51
CA LEU A 71 -11.22 -1.54 5.05
C LEU A 71 -12.37 -0.87 4.29
N ALA A 72 -12.57 -1.29 3.05
CA ALA A 72 -13.85 -0.97 2.34
C ALA A 72 -14.63 -2.28 2.21
N ASP A 73 -15.69 -2.37 2.98
CA ASP A 73 -16.37 -3.62 3.19
C ASP A 73 -17.64 -3.59 2.37
N HIS A 74 -17.64 -4.24 1.23
CA HIS A 74 -18.82 -4.25 0.27
C HIS A 74 -19.81 -5.39 0.57
N ALA A 75 -19.51 -6.20 1.57
CA ALA A 75 -20.27 -7.40 1.82
C ALA A 75 -21.67 -7.02 2.32
N VAL A 76 -22.64 -7.86 1.98
CA VAL A 76 -24.02 -7.61 2.25
C VAL A 76 -24.58 -8.90 2.85
N GLY A 77 -25.12 -8.80 4.06
CA GLY A 77 -25.84 -9.90 4.67
C GLY A 77 -26.84 -10.52 3.71
N GLY A 78 -26.84 -11.86 3.67
CA GLY A 78 -27.73 -12.63 2.80
C GLY A 78 -27.13 -12.90 1.41
N ALA A 79 -25.99 -12.24 1.06
CA ALA A 79 -25.45 -12.30 -0.30
C ALA A 79 -25.17 -13.78 -0.65
N LYS A 80 -25.52 -14.13 -1.87
CA LYS A 80 -25.10 -15.44 -2.52
C LYS A 80 -23.88 -15.22 -3.37
N SER A 81 -23.35 -16.31 -3.89
CA SER A 81 -22.14 -16.22 -4.64
C SER A 81 -22.38 -15.66 -6.06
N GLY A 82 -23.66 -15.70 -6.58
CA GLY A 82 -23.96 -15.10 -7.81
C GLY A 82 -24.41 -13.64 -7.68
N ALA A 83 -25.42 -13.25 -8.46
CA ALA A 83 -25.83 -11.83 -8.49
C ALA A 83 -26.67 -11.43 -7.26
N ASP A 84 -27.43 -12.36 -6.68
CA ASP A 84 -28.55 -11.90 -5.81
C ASP A 84 -28.36 -12.36 -4.33
N ASN A 85 -29.40 -12.15 -3.55
CA ASN A 85 -29.39 -12.28 -2.13
C ASN A 85 -30.33 -13.42 -1.75
N TYR A 86 -30.09 -14.04 -0.61
CA TYR A 86 -31.13 -14.92 0.09
C TYR A 86 -32.50 -14.26 0.13
N TYR A 87 -32.51 -12.98 0.48
CA TYR A 87 -33.71 -12.15 0.44
C TYR A 87 -34.00 -11.72 -1.01
N GLY A 88 -34.93 -12.41 -1.65
CA GLY A 88 -35.21 -12.22 -3.10
C GLY A 88 -35.75 -10.85 -3.38
N TRP A 89 -36.49 -10.31 -2.43
CA TRP A 89 -37.09 -8.99 -2.59
C TRP A 89 -36.02 -7.90 -2.80
N MET A 90 -34.75 -8.05 -2.37
CA MET A 90 -33.79 -6.98 -2.59
C MET A 90 -33.51 -6.79 -4.10
N SER A 91 -33.73 -7.81 -4.95
CA SER A 91 -33.29 -7.74 -6.32
C SER A 91 -34.00 -6.60 -7.07
N ALA A 92 -35.23 -6.24 -6.63
CA ALA A 92 -35.92 -5.14 -7.25
C ALA A 92 -35.13 -3.85 -7.11
N TYR A 93 -34.22 -3.76 -6.13
CA TYR A 93 -33.47 -2.51 -5.87
C TYR A 93 -31.99 -2.63 -6.30
N ARG A 94 -31.29 -3.67 -5.80
CA ARG A 94 -29.86 -3.85 -6.13
CA ARG A 94 -29.86 -3.84 -6.12
C ARG A 94 -29.57 -5.35 -6.19
N HIS A 95 -28.62 -5.73 -7.04
CA HIS A 95 -28.05 -7.07 -7.02
C HIS A 95 -26.93 -7.08 -5.97
N THR A 96 -27.14 -7.73 -4.83
CA THR A 96 -26.23 -7.59 -3.70
C THR A 96 -25.42 -8.86 -3.42
N GLY A 97 -25.57 -9.86 -4.26
CA GLY A 97 -24.66 -11.02 -4.28
C GLY A 97 -23.27 -10.57 -4.59
N LEU A 98 -22.34 -11.52 -4.47
CA LEU A 98 -20.93 -11.29 -4.72
C LEU A 98 -20.73 -10.67 -6.11
N ALA A 99 -21.39 -11.22 -7.12
CA ALA A 99 -21.21 -10.72 -8.54
C ALA A 99 -21.72 -9.25 -8.62
N GLY A 100 -22.81 -8.95 -7.88
CA GLY A 100 -23.33 -7.57 -7.71
C GLY A 100 -22.35 -6.62 -7.04
N GLN A 101 -21.71 -7.10 -5.98
CA GLN A 101 -20.75 -6.34 -5.25
C GLN A 101 -19.51 -6.05 -6.12
N VAL A 102 -19.03 -7.02 -6.86
CA VAL A 102 -17.90 -6.84 -7.75
C VAL A 102 -18.28 -5.73 -8.77
N ASP A 103 -19.43 -5.86 -9.36
CA ASP A 103 -19.85 -4.92 -10.37
C ASP A 103 -19.95 -3.54 -9.79
N ALA A 104 -20.48 -3.42 -8.59
CA ALA A 104 -20.63 -2.04 -8.05
C ALA A 104 -19.27 -1.49 -7.66
N TYR A 105 -18.38 -2.33 -7.14
CA TYR A 105 -17.06 -1.83 -6.79
C TYR A 105 -16.32 -1.29 -8.03
N LEU A 106 -16.33 -2.04 -9.13
CA LEU A 106 -15.65 -1.64 -10.35
C LEU A 106 -16.28 -0.38 -10.94
N ALA A 107 -17.62 -0.26 -10.96
CA ALA A 107 -18.32 0.98 -11.41
C ALA A 107 -17.99 2.18 -10.52
N THR A 108 -17.72 2.01 -9.26
CA THR A 108 -17.46 3.06 -8.29
C THR A 108 -15.99 3.56 -8.35
N LEU A 109 -15.10 2.87 -9.09
CA LEU A 109 -13.69 3.32 -9.33
C LEU A 109 -13.68 4.67 -10.06
N ASP A 110 -14.76 4.95 -10.79
CA ASP A 110 -14.92 6.23 -11.47
C ASP A 110 -13.83 6.44 -12.54
N GLY A 111 -13.53 5.43 -13.39
CA GLY A 111 -12.36 5.53 -14.32
C GLY A 111 -11.03 5.12 -13.65
N LYS A 112 -10.82 5.41 -12.35
CA LYS A 112 -9.48 5.31 -11.77
C LYS A 112 -9.05 3.84 -11.78
N PRO A 113 -7.77 3.57 -11.70
CA PRO A 113 -7.38 2.14 -11.75
C PRO A 113 -7.69 1.34 -10.48
N VAL A 114 -7.80 0.02 -10.61
CA VAL A 114 -7.82 -0.82 -9.44
C VAL A 114 -6.48 -0.69 -8.71
N ASP A 115 -6.53 -0.66 -7.38
CA ASP A 115 -5.34 -0.69 -6.56
C ASP A 115 -4.72 -2.04 -6.63
N GLY A 116 -3.56 -2.13 -7.35
CA GLY A 116 -2.92 -3.46 -7.50
C GLY A 116 -2.25 -3.94 -6.19
N GLN A 117 -2.22 -3.08 -5.17
CA GLN A 117 -1.70 -3.42 -3.85
C GLN A 117 -2.79 -3.76 -2.84
N ALA A 118 -4.04 -3.40 -3.13
CA ALA A 118 -5.17 -3.70 -2.21
C ALA A 118 -5.47 -5.21 -2.15
N LEU A 119 -5.84 -5.68 -0.97
CA LEU A 119 -6.18 -7.08 -0.80
C LEU A 119 -7.66 -7.25 -1.06
N HIS A 120 -7.99 -8.08 -2.02
CA HIS A 120 -9.42 -8.37 -2.33
C HIS A 120 -9.88 -9.64 -1.59
N PHE A 121 -10.76 -9.36 -0.65
CA PHE A 121 -11.14 -10.36 0.33
C PHE A 121 -12.52 -10.91 -0.04
N ILE A 122 -12.62 -12.22 -0.20
CA ILE A 122 -13.85 -12.85 -0.66
C ILE A 122 -14.24 -13.97 0.31
N PHE A 123 -15.47 -13.86 0.84
CA PHE A 123 -15.99 -14.76 1.85
C PHE A 123 -17.50 -14.92 1.63
N VAL A 124 -17.86 -15.96 0.94
CA VAL A 124 -19.26 -16.18 0.54
C VAL A 124 -19.49 -17.66 0.23
N SER A 125 -20.76 -18.09 0.24
CA SER A 125 -21.30 -19.36 -0.25
C SER A 125 -22.42 -19.85 0.70
N ALA A 126 -22.30 -19.61 2.03
CA ALA A 126 -23.33 -20.13 2.96
C ALA A 126 -24.75 -19.84 2.44
N ASN A 127 -25.03 -18.64 1.92
CA ASN A 127 -26.43 -18.31 1.55
C ASN A 127 -26.88 -19.12 0.33
N ASP A 128 -25.91 -19.58 -0.47
CA ASP A 128 -26.27 -20.51 -1.56
C ASP A 128 -26.97 -21.76 -1.00
N PHE A 129 -26.38 -22.28 0.07
CA PHE A 129 -26.90 -23.46 0.76
C PHE A 129 -28.18 -23.15 1.54
N PHE A 130 -28.21 -22.01 2.26
CA PHE A 130 -29.36 -21.69 3.06
C PHE A 130 -30.60 -21.47 2.18
N GLU A 131 -30.43 -20.73 1.09
CA GLU A 131 -31.56 -20.42 0.23
C GLU A 131 -32.07 -21.72 -0.39
N HIS A 132 -31.17 -22.63 -0.80
CA HIS A 132 -31.51 -23.88 -1.37
C HIS A 132 -32.35 -24.69 -0.38
N GLU A 133 -31.94 -24.70 0.87
CA GLU A 133 -32.57 -25.54 1.81
C GLU A 133 -33.85 -24.92 2.33
N ASP A 134 -33.90 -23.60 2.50
CA ASP A 134 -35.07 -22.93 3.03
C ASP A 134 -36.16 -22.79 2.01
N PHE A 135 -35.85 -22.76 0.72
CA PHE A 135 -36.89 -22.47 -0.28
C PHE A 135 -36.98 -23.64 -1.25
N ALA A 136 -36.75 -24.85 -0.75
CA ALA A 136 -36.94 -26.09 -1.47
C ALA A 136 -36.32 -26.07 -2.87
N GLY A 137 -35.04 -25.67 -2.98
CA GLY A 137 -34.30 -25.71 -4.25
C GLY A 137 -34.19 -27.15 -4.65
N GLU A 138 -34.23 -27.46 -5.95
CA GLU A 138 -34.37 -28.86 -6.50
C GLU A 138 -33.02 -29.42 -6.98
N GLN A 139 -32.08 -28.55 -7.14
CA GLN A 139 -30.75 -28.85 -7.68
C GLN A 139 -30.11 -29.87 -6.72
N PRO A 140 -29.47 -30.96 -7.19
CA PRO A 140 -28.66 -31.69 -6.28
C PRO A 140 -27.57 -30.82 -5.65
N LEU A 141 -27.21 -31.16 -4.43
CA LEU A 141 -26.21 -30.35 -3.70
C LEU A 141 -24.83 -30.29 -4.39
N GLU A 142 -24.38 -31.35 -5.05
CA GLU A 142 -23.09 -31.38 -5.71
C GLU A 142 -23.09 -30.37 -6.87
N GLN A 143 -24.24 -30.19 -7.48
CA GLN A 143 -24.38 -29.30 -8.58
C GLN A 143 -24.46 -27.85 -8.04
N LEU A 144 -25.10 -27.67 -6.88
CA LEU A 144 -25.15 -26.37 -6.26
C LEU A 144 -23.73 -25.97 -5.89
N ALA A 145 -23.01 -26.91 -5.31
CA ALA A 145 -21.59 -26.65 -4.91
C ALA A 145 -20.79 -26.20 -6.15
N GLY A 146 -21.01 -26.86 -7.28
CA GLY A 146 -20.35 -26.55 -8.55
C GLY A 146 -20.61 -25.06 -8.92
N SER A 147 -21.88 -24.67 -8.78
CA SER A 147 -22.30 -23.31 -9.12
CA SER A 147 -22.30 -23.32 -9.11
C SER A 147 -21.62 -22.31 -8.15
N SER A 148 -21.60 -22.61 -6.84
CA SER A 148 -20.97 -21.76 -5.89
C SER A 148 -19.51 -21.56 -6.28
N VAL A 149 -18.84 -22.69 -6.60
CA VAL A 149 -17.45 -22.63 -6.94
C VAL A 149 -17.20 -21.79 -8.20
N ALA A 150 -18.02 -21.98 -9.23
CA ALA A 150 -17.92 -21.27 -10.50
C ALA A 150 -18.08 -19.78 -10.27
N ASN A 151 -19.06 -19.47 -9.44
CA ASN A 151 -19.37 -18.11 -9.13
C ASN A 151 -18.20 -17.41 -8.44
N ILE A 152 -17.56 -18.07 -7.45
CA ILE A 152 -16.47 -17.49 -6.76
C ILE A 152 -15.26 -17.32 -7.71
N ARG A 153 -14.90 -18.35 -8.46
CA ARG A 153 -13.87 -18.27 -9.45
C ARG A 153 -14.14 -17.10 -10.41
N ALA A 154 -15.37 -16.97 -10.87
CA ALA A 154 -15.71 -15.92 -11.78
C ALA A 154 -15.54 -14.52 -11.14
N ALA A 155 -15.85 -14.32 -9.86
CA ALA A 155 -15.55 -13.10 -9.13
C ALA A 155 -14.05 -12.77 -9.11
N VAL A 156 -13.22 -13.75 -8.85
CA VAL A 156 -11.83 -13.47 -8.79
C VAL A 156 -11.35 -13.16 -10.23
N GLN A 157 -11.85 -13.91 -11.20
CA GLN A 157 -11.45 -13.65 -12.60
C GLN A 157 -11.83 -12.21 -13.00
N ARG A 158 -13.03 -11.76 -12.63
CA ARG A 158 -13.48 -10.43 -13.03
C ARG A 158 -12.67 -9.33 -12.32
N LEU A 159 -12.47 -9.46 -11.03
CA LEU A 159 -11.65 -8.51 -10.31
C LEU A 159 -10.23 -8.47 -10.91
N GLY A 160 -9.70 -9.64 -11.26
CA GLY A 160 -8.37 -9.74 -11.85
C GLY A 160 -8.28 -9.05 -13.20
N GLU A 161 -9.26 -9.30 -14.02
CA GLU A 161 -9.36 -8.71 -15.33
C GLU A 161 -9.33 -7.18 -15.23
N ALA A 162 -10.01 -6.61 -14.22
CA ALA A 162 -10.04 -5.17 -14.02
C ALA A 162 -8.73 -4.63 -13.44
N GLY A 163 -7.85 -5.46 -12.88
CA GLY A 163 -6.57 -4.98 -12.35
C GLY A 163 -6.19 -5.51 -10.97
N ALA A 164 -7.07 -6.26 -10.29
CA ALA A 164 -6.72 -6.64 -8.93
C ALA A 164 -5.67 -7.74 -9.02
N ARG A 165 -4.77 -7.81 -8.04
CA ARG A 165 -3.69 -8.78 -8.06
C ARG A 165 -3.64 -9.61 -6.77
N ARG A 166 -4.23 -9.10 -5.71
CA ARG A 166 -4.05 -9.73 -4.42
C ARG A 166 -5.43 -10.11 -3.87
N PHE A 167 -5.45 -11.35 -3.37
CA PHE A 167 -6.71 -11.96 -2.96
C PHE A 167 -6.47 -12.81 -1.73
N LEU A 168 -7.49 -12.83 -0.91
CA LEU A 168 -7.66 -13.81 0.23
C LEU A 168 -9.07 -14.39 0.10
N VAL A 169 -9.20 -15.64 -0.22
CA VAL A 169 -10.55 -16.23 -0.35
C VAL A 169 -10.76 -17.22 0.79
N VAL A 170 -11.86 -17.04 1.49
CA VAL A 170 -12.18 -17.89 2.63
C VAL A 170 -13.01 -19.10 2.14
N SER A 171 -12.76 -20.24 2.75
CA SER A 171 -13.48 -21.50 2.44
C SER A 171 -14.94 -21.41 2.88
N SER A 172 -15.72 -22.42 2.56
CA SER A 172 -16.97 -22.62 3.26
C SER A 172 -16.65 -22.72 4.74
N THR A 173 -17.43 -22.05 5.57
CA THR A 173 -17.50 -22.40 6.97
C THR A 173 -18.15 -23.76 7.19
N ASP A 174 -18.06 -24.21 8.45
CA ASP A 174 -18.66 -25.44 8.84
C ASP A 174 -20.15 -25.21 9.05
N LEU A 175 -20.88 -25.20 7.95
CA LEU A 175 -22.35 -25.10 7.98
C LEU A 175 -22.97 -26.21 8.82
N SER A 176 -22.27 -27.39 8.94
CA SER A 176 -22.89 -28.55 9.60
C SER A 176 -23.15 -28.32 11.11
N VAL A 177 -22.54 -27.29 11.74
CA VAL A 177 -22.71 -27.07 13.19
C VAL A 177 -23.47 -25.76 13.50
N VAL A 178 -23.91 -25.07 12.45
CA VAL A 178 -24.72 -23.88 12.62
C VAL A 178 -26.03 -24.27 13.30
N PRO A 179 -26.47 -23.52 14.31
CA PRO A 179 -27.62 -24.00 15.07
C PRO A 179 -28.89 -24.13 14.20
N ALA A 180 -29.08 -23.22 13.23
CA ALA A 180 -30.23 -23.32 12.28
C ALA A 180 -30.19 -24.63 11.49
N VAL A 181 -29.01 -25.12 11.11
CA VAL A 181 -28.88 -26.35 10.33
C VAL A 181 -29.16 -27.58 11.21
N VAL A 182 -28.57 -27.64 12.42
CA VAL A 182 -28.94 -28.65 13.41
C VAL A 182 -30.48 -28.68 13.60
N ALA A 183 -31.09 -27.53 13.90
CA ALA A 183 -32.58 -27.48 14.15
C ALA A 183 -33.38 -27.96 12.90
N GLY A 184 -32.89 -27.72 11.70
CA GLY A 184 -33.54 -28.18 10.44
C GLY A 184 -33.22 -29.64 10.09
N ASN A 185 -32.50 -30.31 10.98
CA ASN A 185 -32.09 -31.70 10.78
C ASN A 185 -31.37 -31.86 9.46
N ARG A 186 -30.44 -30.95 9.13
CA ARG A 186 -29.79 -30.86 7.79
C ARG A 186 -28.26 -30.95 7.90
N VAL A 187 -27.77 -31.54 8.96
CA VAL A 187 -26.35 -31.70 9.22
C VAL A 187 -25.66 -32.48 8.08
N GLU A 188 -26.23 -33.58 7.62
CA GLU A 188 -25.60 -34.38 6.54
C GLU A 188 -25.55 -33.60 5.19
N ARG A 189 -26.59 -32.82 4.88
CA ARG A 189 -26.64 -32.03 3.62
C ARG A 189 -25.54 -30.97 3.63
N ALA A 190 -25.40 -30.31 4.78
CA ALA A 190 -24.37 -29.27 5.04
C ALA A 190 -23.00 -29.89 4.89
N GLN A 191 -22.80 -31.04 5.52
CA GLN A 191 -21.49 -31.72 5.37
C GLN A 191 -21.19 -31.95 3.89
N ARG A 192 -22.16 -32.39 3.13
CA ARG A 192 -21.89 -32.86 1.77
C ARG A 192 -21.62 -31.63 0.88
N TYR A 193 -22.42 -30.61 1.08
CA TYR A 193 -22.25 -29.30 0.40
C TYR A 193 -20.87 -28.67 0.71
N LEU A 194 -20.54 -28.50 1.98
CA LEU A 194 -19.32 -27.78 2.37
C LEU A 194 -18.08 -28.59 1.91
N GLN A 195 -18.14 -29.95 1.90
CA GLN A 195 -17.00 -30.80 1.46
C GLN A 195 -16.77 -30.63 -0.05
N ALA A 196 -17.85 -30.61 -0.82
CA ALA A 196 -17.78 -30.39 -2.22
C ALA A 196 -17.24 -28.99 -2.56
N VAL A 197 -17.72 -27.87 -1.94
CA VAL A 197 -17.13 -26.55 -2.21
C VAL A 197 -15.63 -26.55 -1.82
N ASN A 198 -15.29 -27.09 -0.64
CA ASN A 198 -13.93 -26.93 -0.14
C ASN A 198 -12.96 -27.89 -0.83
N ALA A 199 -13.43 -28.94 -1.48
CA ALA A 199 -12.56 -29.78 -2.23
C ALA A 199 -12.22 -29.10 -3.57
N SER A 200 -13.18 -28.43 -4.17
CA SER A 200 -13.10 -27.93 -5.54
C SER A 200 -12.55 -26.49 -5.62
N LEU A 201 -13.02 -25.60 -4.75
CA LEU A 201 -12.68 -24.23 -4.89
C LEU A 201 -11.17 -24.01 -4.88
N PRO A 202 -10.42 -24.58 -3.95
CA PRO A 202 -9.01 -24.24 -3.91
C PRO A 202 -8.23 -24.72 -5.14
N ILE A 203 -8.69 -25.79 -5.82
CA ILE A 203 -8.11 -26.26 -7.09
C ILE A 203 -8.35 -25.19 -8.17
N GLN A 204 -9.60 -24.73 -8.29
CA GLN A 204 -9.90 -23.68 -9.27
C GLN A 204 -9.07 -22.43 -9.00
N LEU A 205 -8.95 -22.05 -7.74
CA LEU A 205 -8.25 -20.79 -7.39
C LEU A 205 -6.75 -20.96 -7.63
N ALA A 206 -6.23 -22.17 -7.42
CA ALA A 206 -4.82 -22.34 -7.67
C ALA A 206 -4.56 -22.14 -9.17
N ALA A 207 -5.42 -22.70 -10.03
CA ALA A 207 -5.23 -22.60 -11.52
C ALA A 207 -5.30 -21.14 -11.97
N LEU A 208 -6.26 -20.41 -11.43
CA LEU A 208 -6.40 -19.02 -11.74
C LEU A 208 -5.18 -18.23 -11.20
N ARG A 209 -4.77 -18.50 -9.97
CA ARG A 209 -3.66 -17.75 -9.40
C ARG A 209 -2.45 -17.88 -10.33
N LYS A 210 -2.24 -19.05 -10.87
CA LYS A 210 -1.04 -19.30 -11.71
C LYS A 210 -1.19 -18.61 -13.08
N THR A 211 -2.34 -18.75 -13.72
CA THR A 211 -2.56 -18.19 -15.05
C THR A 211 -2.36 -16.67 -15.01
N ARG A 212 -2.94 -16.01 -13.99
CA ARG A 212 -3.02 -14.55 -13.98
C ARG A 212 -1.93 -13.92 -13.08
N GLY A 213 -1.03 -14.75 -12.57
CA GLY A 213 0.08 -14.29 -11.77
C GLY A 213 -0.38 -13.61 -10.48
N LEU A 214 -1.38 -14.16 -9.80
CA LEU A 214 -2.00 -13.45 -8.67
C LEU A 214 -1.26 -13.81 -7.36
N GLU A 215 -1.42 -12.98 -6.36
CA GLU A 215 -1.11 -13.39 -4.99
C GLU A 215 -2.45 -13.86 -4.38
N LEU A 216 -2.65 -15.15 -4.25
CA LEU A 216 -3.96 -15.55 -3.77
C LEU A 216 -3.79 -16.49 -2.57
N SER A 217 -4.28 -16.11 -1.41
CA SER A 217 -4.22 -16.95 -0.24
CA SER A 217 -4.21 -16.99 -0.27
C SER A 217 -5.60 -17.57 0.02
N TRP A 218 -5.60 -18.77 0.63
CA TRP A 218 -6.80 -19.56 0.87
C TRP A 218 -6.93 -19.73 2.38
N PHE A 219 -8.03 -19.31 2.98
CA PHE A 219 -8.22 -19.50 4.42
C PHE A 219 -9.18 -20.66 4.67
N ASP A 220 -8.73 -21.71 5.34
CA ASP A 220 -9.58 -22.88 5.51
C ASP A 220 -10.26 -22.70 6.87
N HIS A 221 -11.47 -22.19 6.83
CA HIS A 221 -12.26 -21.83 7.96
C HIS A 221 -12.70 -23.10 8.70
N LEU A 222 -12.86 -24.21 7.99
CA LEU A 222 -13.21 -25.48 8.62
C LEU A 222 -12.08 -25.96 9.51
N THR A 223 -10.83 -25.84 9.09
CA THR A 223 -9.72 -26.23 9.97
C THR A 223 -9.73 -25.31 11.21
N PHE A 224 -9.82 -24.03 10.98
CA PHE A 224 -9.92 -23.12 12.03
C PHE A 224 -11.02 -23.43 13.05
N SER A 225 -12.28 -23.67 12.62
CA SER A 225 -13.39 -23.92 13.62
C SER A 225 -13.23 -25.31 14.27
N ARG A 226 -12.63 -26.29 13.58
CA ARG A 226 -12.37 -27.62 14.18
C ARG A 226 -11.39 -27.51 15.36
N HIS A 227 -10.31 -26.69 15.23
CA HIS A 227 -9.39 -26.35 16.36
C HIS A 227 -10.16 -25.62 17.47
N LEU A 228 -10.97 -24.61 17.16
CA LEU A 228 -11.66 -23.95 18.20
C LEU A 228 -12.61 -24.93 18.92
N ARG A 229 -13.30 -25.81 18.18
CA ARG A 229 -14.39 -26.61 18.80
C ARG A 229 -13.87 -27.89 19.49
N ARG A 230 -12.65 -28.26 19.19
CA ARG A 230 -12.06 -29.42 19.83
C ARG A 230 -11.45 -29.05 21.18
N ASN A 231 -10.90 -27.84 21.30
CA ASN A 231 -10.30 -27.45 22.56
C ASN A 231 -10.83 -26.05 22.95
N PRO A 232 -12.10 -25.94 23.22
CA PRO A 232 -12.63 -24.61 23.38
C PRO A 232 -12.06 -23.82 24.57
N ALA A 233 -11.75 -24.54 25.67
CA ALA A 233 -11.28 -23.86 26.93
C ALA A 233 -9.98 -23.08 26.63
N ARG A 234 -9.12 -23.61 25.75
CA ARG A 234 -7.94 -22.93 25.29
C ARG A 234 -8.24 -21.52 24.73
N TYR A 235 -9.46 -21.24 24.23
CA TYR A 235 -9.79 -19.98 23.53
C TYR A 235 -10.77 -19.16 24.38
N GLY A 236 -10.98 -19.62 25.60
CA GLY A 236 -11.97 -19.06 26.52
C GLY A 236 -13.41 -19.43 26.13
N LEU A 237 -13.62 -20.43 25.30
CA LEU A 237 -15.05 -20.67 24.90
C LEU A 237 -15.64 -21.74 25.82
N VAL A 238 -16.94 -21.64 26.13
CA VAL A 238 -17.61 -22.64 26.93
C VAL A 238 -18.76 -23.27 26.11
N GLU A 239 -19.55 -22.48 25.42
CA GLU A 239 -20.79 -23.00 24.82
C GLU A 239 -20.68 -22.96 23.30
N LEU A 240 -20.78 -24.11 22.67
CA LEU A 240 -20.46 -24.27 21.28
C LEU A 240 -21.71 -24.42 20.41
N ASP A 241 -22.86 -24.66 21.01
CA ASP A 241 -24.03 -25.04 20.30
C ASP A 241 -25.23 -24.12 20.48
N ALA A 242 -25.42 -23.57 21.63
CA ALA A 242 -26.60 -22.73 21.82
C ALA A 242 -26.26 -21.31 21.40
N PRO A 243 -27.20 -20.64 20.74
CA PRO A 243 -26.97 -19.25 20.49
C PRO A 243 -27.03 -18.43 21.77
N CYS A 244 -26.17 -17.42 21.84
CA CYS A 244 -26.17 -16.48 22.94
C CYS A 244 -27.42 -15.60 22.93
N GLN A 245 -27.89 -15.28 21.71
CA GLN A 245 -28.98 -14.41 21.42
C GLN A 245 -30.02 -15.18 20.59
N PRO A 246 -30.92 -15.87 21.25
CA PRO A 246 -31.90 -16.60 20.44
C PRO A 246 -32.77 -15.60 19.64
N THR A 247 -33.11 -15.94 18.41
CA THR A 247 -34.03 -15.11 17.61
C THR A 247 -35.17 -15.95 17.04
N GLN A 248 -35.09 -17.27 17.15
CA GLN A 248 -35.99 -18.17 16.43
C GLN A 248 -36.65 -19.17 17.40
N PRO A 249 -37.98 -19.30 17.36
CA PRO A 249 -39.03 -18.57 16.62
C PRO A 249 -39.11 -17.06 16.95
N SER A 250 -38.73 -16.66 18.16
CA SER A 250 -38.78 -15.24 18.52
C SER A 250 -37.58 -14.86 19.39
N VAL A 251 -37.36 -13.57 19.48
CA VAL A 251 -36.25 -13.03 20.22
C VAL A 251 -36.43 -13.31 21.71
N ARG A 252 -35.37 -13.79 22.36
CA ARG A 252 -35.35 -13.96 23.82
C ARG A 252 -34.12 -13.24 24.40
N PRO A 253 -34.04 -13.15 25.73
CA PRO A 253 -32.90 -12.46 26.36
C PRO A 253 -31.54 -13.11 26.07
N ALA A 254 -30.54 -12.27 25.75
CA ALA A 254 -29.15 -12.71 25.51
C ALA A 254 -28.50 -13.27 26.79
N CYS A 255 -27.68 -14.30 26.59
CA CYS A 255 -26.82 -14.84 27.64
C CYS A 255 -25.92 -13.74 28.18
N ALA A 256 -25.48 -13.85 29.45
CA ALA A 256 -24.72 -12.79 30.14
C ALA A 256 -23.22 -12.84 29.77
N ASN A 257 -22.74 -13.94 29.18
CA ASN A 257 -21.34 -14.18 28.98
C ASN A 257 -21.07 -14.49 27.51
N PRO A 258 -21.42 -13.57 26.61
CA PRO A 258 -21.30 -13.84 25.16
C PRO A 258 -19.88 -14.14 24.65
N ASP A 259 -18.84 -13.67 25.33
CA ASP A 259 -17.50 -13.98 24.93
C ASP A 259 -17.07 -15.43 25.18
N GLN A 260 -17.86 -16.20 25.94
CA GLN A 260 -17.62 -17.64 26.07
C GLN A 260 -18.52 -18.40 25.10
N TYR A 261 -19.20 -17.71 24.18
CA TYR A 261 -20.08 -18.44 23.23
C TYR A 261 -19.51 -18.41 21.80
N TYR A 262 -19.69 -19.52 21.14
CA TYR A 262 -19.39 -19.66 19.75
C TYR A 262 -20.40 -18.92 18.88
N PHE A 263 -21.74 -19.10 19.08
CA PHE A 263 -22.74 -18.52 18.19
C PHE A 263 -23.45 -17.34 18.86
N TRP A 264 -23.62 -16.31 18.07
CA TRP A 264 -24.43 -15.19 18.54
C TRP A 264 -25.92 -15.52 18.30
N ASP A 265 -26.35 -15.74 17.05
CA ASP A 265 -27.73 -16.14 16.77
C ASP A 265 -27.68 -17.49 16.13
N GLU A 266 -28.73 -17.95 15.43
CA GLU A 266 -28.74 -19.32 14.92
C GLU A 266 -27.90 -19.51 13.65
N TRP A 267 -27.25 -18.46 13.15
CA TRP A 267 -26.48 -18.61 11.95
C TRP A 267 -25.08 -18.03 12.12
N HIS A 268 -24.86 -17.08 13.00
CA HIS A 268 -23.70 -16.22 12.95
C HIS A 268 -22.87 -16.37 14.22
N PRO A 269 -21.58 -16.37 14.08
CA PRO A 269 -20.69 -16.39 15.24
C PRO A 269 -20.67 -15.09 16.07
N THR A 270 -20.20 -15.23 17.31
CA THR A 270 -20.00 -14.10 18.19
C THR A 270 -18.76 -13.32 17.80
N ARG A 271 -18.65 -12.13 18.39
CA ARG A 271 -17.49 -11.25 18.20
C ARG A 271 -16.20 -11.95 18.61
N ARG A 272 -16.27 -12.85 19.55
CA ARG A 272 -15.08 -13.53 20.05
C ARG A 272 -14.57 -14.53 18.98
N VAL A 273 -15.46 -15.21 18.33
CA VAL A 273 -15.12 -16.09 17.22
C VAL A 273 -14.62 -15.25 16.02
N HIS A 274 -15.26 -14.13 15.77
CA HIS A 274 -14.81 -13.26 14.67
C HIS A 274 -13.37 -12.77 14.93
N GLN A 275 -13.07 -12.44 16.17
CA GLN A 275 -11.75 -11.94 16.58
C GLN A 275 -10.70 -13.03 16.28
N LEU A 276 -10.98 -14.22 16.74
CA LEU A 276 -10.08 -15.32 16.54
C LEU A 276 -9.91 -15.61 15.05
N ALA A 277 -10.96 -15.53 14.23
CA ALA A 277 -10.83 -15.80 12.86
C ALA A 277 -9.97 -14.71 12.18
N GLY A 278 -10.23 -13.43 12.50
CA GLY A 278 -9.51 -12.35 11.89
C GLY A 278 -8.02 -12.45 12.21
N GLU A 279 -7.70 -12.82 13.44
CA GLU A 279 -6.30 -13.02 13.87
C GLU A 279 -5.66 -14.15 13.06
N ALA A 280 -6.38 -15.26 12.91
CA ALA A 280 -5.89 -16.43 12.09
C ALA A 280 -5.71 -16.05 10.61
N MET A 281 -6.61 -15.26 10.09
CA MET A 281 -6.55 -14.88 8.68
C MET A 281 -5.34 -13.98 8.46
N ALA A 282 -5.06 -13.11 9.41
CA ALA A 282 -3.88 -12.20 9.29
C ALA A 282 -2.54 -12.96 9.28
N ALA A 283 -2.53 -14.22 9.68
CA ALA A 283 -1.27 -14.89 10.06
C ALA A 283 -0.37 -15.19 8.85
N ARG A 284 -0.85 -15.09 7.62
CA ARG A 284 0.05 -15.40 6.51
C ARG A 284 0.72 -14.11 5.98
N TYR A 285 0.39 -12.95 6.56
CA TYR A 285 0.84 -11.64 6.06
C TYR A 285 1.78 -10.99 7.10
N ALA A 286 2.81 -10.35 6.60
CA ALA A 286 3.64 -9.45 7.38
C ALA A 286 2.83 -8.22 7.78
N ARG A 287 3.09 -7.72 8.98
CA ARG A 287 2.47 -6.46 9.41
C ARG A 287 3.09 -5.26 8.68
N SER B 3 10.72 -6.89 -19.17
CA SER B 3 10.63 -6.99 -17.69
C SER B 3 9.30 -6.37 -17.19
N PRO B 4 8.59 -7.13 -16.38
CA PRO B 4 7.29 -6.69 -15.87
C PRO B 4 7.43 -5.42 -15.03
N LEU B 5 6.47 -4.53 -15.05
CA LEU B 5 6.53 -3.35 -14.15
C LEU B 5 6.56 -3.80 -12.68
N LEU B 6 7.21 -3.05 -11.83
CA LEU B 6 7.16 -3.27 -10.36
C LEU B 6 5.78 -2.89 -9.79
N ALA B 7 5.45 -3.45 -8.64
CA ALA B 7 4.20 -3.26 -7.97
C ALA B 7 3.98 -1.77 -7.65
N PRO B 8 2.72 -1.34 -7.56
CA PRO B 8 2.37 0.03 -7.18
C PRO B 8 3.00 0.47 -5.85
N VAL B 9 3.03 1.78 -5.73
CA VAL B 9 3.62 2.50 -4.60
C VAL B 9 2.54 3.44 -4.06
N ARG B 10 2.29 3.31 -2.78
CA ARG B 10 1.31 4.13 -2.08
C ARG B 10 1.96 5.10 -1.08
N GLN B 11 3.18 4.85 -0.66
CA GLN B 11 3.91 5.70 0.28
C GLN B 11 5.38 5.68 -0.14
N ILE B 12 5.94 6.86 -0.24
CA ILE B 12 7.38 7.08 -0.41
C ILE B 12 7.94 7.78 0.82
N HIS B 13 9.10 7.31 1.25
CA HIS B 13 9.99 8.00 2.20
C HIS B 13 11.23 8.39 1.41
N ALA B 14 11.44 9.68 1.27
CA ALA B 14 12.55 10.16 0.45
C ALA B 14 13.68 10.69 1.36
N PHE B 15 14.89 10.31 0.97
CA PHE B 15 16.13 10.69 1.61
C PHE B 15 17.05 11.32 0.57
N GLY B 16 17.75 12.39 0.92
CA GLY B 16 18.57 13.05 -0.15
C GLY B 16 18.85 14.53 0.14
N ASP B 17 19.08 15.27 -0.95
CA ASP B 17 19.60 16.62 -0.87
C ASP B 17 18.58 17.57 -1.54
N SER B 18 19.07 18.69 -2.04
CA SER B 18 18.24 19.77 -2.62
C SER B 18 17.64 19.33 -3.97
N TYR B 19 18.07 18.20 -4.54
CA TYR B 19 17.40 17.66 -5.73
C TYR B 19 16.06 16.99 -5.33
N SER B 20 15.81 16.77 -4.04
CA SER B 20 14.54 16.17 -3.56
C SER B 20 13.81 17.02 -2.51
N ASP B 21 14.55 17.75 -1.71
CA ASP B 21 13.94 18.56 -0.60
C ASP B 21 12.66 19.28 -1.04
N ASN B 22 11.59 19.15 -0.25
CA ASN B 22 10.36 19.82 -0.54
C ASN B 22 9.93 20.79 0.60
N GLY B 23 10.84 21.29 1.43
CA GLY B 23 10.44 22.18 2.53
C GLY B 23 11.27 22.06 3.80
N GLU B 24 12.05 21.00 3.92
CA GLU B 24 12.75 20.73 5.17
C GLU B 24 13.89 21.72 5.43
N SER B 25 14.72 22.03 4.45
CA SER B 25 15.79 22.97 4.68
C SER B 25 15.19 24.34 5.08
N GLN B 26 14.01 24.64 4.60
CA GLN B 26 13.40 25.93 4.95
C GLN B 26 12.84 25.88 6.37
N ARG B 27 12.24 24.76 6.72
CA ARG B 27 11.67 24.60 8.07
C ARG B 27 12.83 24.57 9.10
N LEU B 28 13.84 23.76 8.83
CA LEU B 28 14.94 23.64 9.80
C LEU B 28 15.67 24.97 9.95
N THR B 29 15.88 25.73 8.87
CA THR B 29 16.63 26.94 9.07
C THR B 29 15.74 27.98 9.77
N ARG B 30 14.43 27.95 9.54
CA ARG B 30 13.52 28.84 10.31
C ARG B 30 13.70 28.58 11.81
N GLU B 31 13.70 27.32 12.21
CA GLU B 31 13.93 26.94 13.60
C GLU B 31 15.31 27.43 14.04
N MET B 32 16.31 27.27 13.19
CA MET B 32 17.64 27.62 13.59
C MET B 32 17.71 29.13 13.78
N LEU B 33 17.09 29.86 12.88
CA LEU B 33 17.11 31.33 12.94
C LEU B 33 16.38 31.80 14.21
N ALA B 34 15.20 31.24 14.45
CA ALA B 34 14.43 31.62 15.63
C ALA B 34 15.24 31.33 16.91
N LYS B 35 15.97 30.22 16.98
CA LYS B 35 16.73 29.87 18.19
C LYS B 35 18.10 30.56 18.19
N GLY B 36 18.48 31.25 17.12
CA GLY B 36 19.71 32.03 17.12
C GLY B 36 20.95 31.19 16.97
N ILE B 37 20.85 30.09 16.22
CA ILE B 37 21.99 29.20 15.99
C ILE B 37 23.03 29.96 15.14
N ALA B 38 24.33 29.77 15.45
CA ALA B 38 25.43 30.58 14.84
C ALA B 38 25.63 30.21 13.37
N GLY B 39 25.71 31.23 12.50
CA GLY B 39 25.83 31.10 11.02
C GLY B 39 24.52 30.74 10.32
N ALA B 40 23.43 30.57 11.05
CA ALA B 40 22.18 30.19 10.42
C ALA B 40 21.85 31.19 9.32
N GLN B 41 21.35 30.68 8.19
CA GLN B 41 20.85 31.49 7.06
C GLN B 41 19.50 30.92 6.63
N ALA B 42 18.60 31.76 6.10
CA ALA B 42 17.27 31.30 5.63
C ALA B 42 17.43 30.60 4.28
N LEU B 43 17.28 29.29 4.24
CA LEU B 43 17.45 28.56 3.02
C LEU B 43 16.07 28.09 2.58
N PRO B 44 15.87 27.83 1.28
CA PRO B 44 16.82 28.03 0.23
C PRO B 44 17.00 29.50 -0.11
N GLY B 45 16.07 30.37 0.22
CA GLY B 45 16.29 31.76 -0.14
C GLY B 45 15.13 32.38 -0.89
N GLU B 46 15.31 33.60 -1.39
CA GLU B 46 14.21 34.45 -1.86
C GLU B 46 13.78 34.08 -3.28
N VAL B 47 14.70 33.49 -4.07
CA VAL B 47 14.41 33.27 -5.49
C VAL B 47 13.97 31.82 -5.74
N TYR B 48 13.23 31.23 -4.82
CA TYR B 48 12.88 29.79 -4.93
C TYR B 48 11.39 29.62 -4.66
N TRP B 49 10.85 28.52 -5.18
CA TRP B 49 9.42 28.23 -5.06
C TRP B 49 9.09 27.42 -3.79
N GLN B 50 8.39 28.04 -2.85
CA GLN B 50 7.81 27.40 -1.66
C GLN B 50 8.82 26.46 -0.99
N GLY B 51 10.07 26.88 -0.81
CA GLY B 51 11.03 26.10 -0.08
C GLY B 51 11.75 25.03 -0.90
N ARG B 52 11.37 24.83 -2.16
CA ARG B 52 12.11 23.91 -3.04
C ARG B 52 13.36 24.62 -3.58
N TRP B 53 14.47 23.94 -3.81
CA TRP B 53 15.61 24.60 -4.46
C TRP B 53 15.40 24.63 -5.99
N SER B 54 14.30 25.22 -6.42
CA SER B 54 13.94 25.25 -7.82
C SER B 54 12.76 26.23 -7.98
N ASN B 55 12.18 26.32 -9.18
CA ASN B 55 10.96 27.11 -9.40
C ASN B 55 9.69 26.22 -9.44
N GLY B 56 9.72 25.04 -8.86
CA GLY B 56 8.60 24.15 -8.85
C GLY B 56 8.95 22.88 -8.08
N PRO B 57 8.04 21.94 -8.09
CA PRO B 57 8.20 20.62 -7.42
C PRO B 57 9.44 19.81 -7.88
N THR B 58 10.11 19.17 -6.94
CA THR B 58 11.22 18.28 -7.26
C THR B 58 10.72 16.98 -7.90
N ALA B 59 11.70 16.24 -8.43
CA ALA B 59 11.46 14.99 -9.12
C ALA B 59 10.68 14.00 -8.24
N VAL B 60 11.14 13.82 -7.01
CA VAL B 60 10.47 12.83 -6.16
C VAL B 60 9.00 13.22 -5.89
N GLU B 61 8.71 14.51 -5.84
CA GLU B 61 7.34 14.94 -5.70
C GLU B 61 6.55 14.57 -6.95
N VAL B 62 7.18 14.68 -8.15
CA VAL B 62 6.46 14.36 -9.36
C VAL B 62 6.20 12.85 -9.40
N LEU B 63 7.19 12.04 -9.05
CA LEU B 63 7.13 10.59 -9.02
C LEU B 63 5.96 10.13 -8.11
N ALA B 64 5.86 10.76 -6.95
CA ALA B 64 4.77 10.47 -6.00
C ALA B 64 3.41 10.70 -6.65
N ARG B 65 3.31 11.86 -7.33
CA ARG B 65 2.09 12.26 -8.00
C ARG B 65 1.76 11.27 -9.11
N GLN B 66 2.77 10.96 -9.93
CA GLN B 66 2.60 10.01 -11.01
C GLN B 66 2.16 8.63 -10.48
N LEU B 67 2.67 8.17 -9.35
CA LEU B 67 2.43 6.80 -8.93
C LEU B 67 1.18 6.69 -8.04
N GLY B 68 0.58 7.83 -7.69
CA GLY B 68 -0.48 7.86 -6.72
C GLY B 68 -0.01 7.49 -5.31
N ALA B 69 1.16 7.93 -4.95
CA ALA B 69 1.69 7.77 -3.57
C ALA B 69 1.68 9.08 -2.78
N GLN B 70 1.54 8.94 -1.47
CA GLN B 70 1.83 9.94 -0.46
C GLN B 70 3.36 10.04 -0.31
N LEU B 71 3.82 11.25 0.00
CA LEU B 71 5.25 11.53 0.05
C LEU B 71 5.65 12.12 1.41
N ALA B 72 6.56 11.42 2.08
CA ALA B 72 7.28 11.87 3.28
C ALA B 72 8.73 12.15 2.92
N ASP B 73 9.07 13.43 2.80
CA ASP B 73 10.26 13.85 2.13
C ASP B 73 11.20 14.36 3.19
N HIS B 74 12.15 13.51 3.53
CA HIS B 74 13.15 13.79 4.60
C HIS B 74 14.38 14.54 4.05
N ALA B 75 14.47 14.73 2.74
CA ALA B 75 15.61 15.35 2.14
C ALA B 75 15.83 16.78 2.64
N VAL B 76 17.11 17.13 2.74
CA VAL B 76 17.55 18.43 3.24
C VAL B 76 18.60 18.99 2.24
N GLY B 77 18.30 20.13 1.66
CA GLY B 77 19.30 20.80 0.80
C GLY B 77 20.67 20.84 1.46
N GLY B 78 21.70 20.58 0.66
CA GLY B 78 23.06 20.59 1.15
C GLY B 78 23.48 19.26 1.79
N ALA B 79 22.56 18.27 1.92
CA ALA B 79 22.88 17.05 2.63
C ALA B 79 23.99 16.29 1.89
N LYS B 80 24.91 15.81 2.69
CA LYS B 80 25.89 14.85 2.19
C LYS B 80 25.41 13.44 2.42
N SER B 81 26.17 12.46 1.90
CA SER B 81 25.80 11.07 1.98
C SER B 81 26.07 10.55 3.40
N GLY B 82 26.96 11.26 4.15
CA GLY B 82 27.33 10.83 5.47
C GLY B 82 26.38 11.45 6.49
N ALA B 83 26.90 11.88 7.63
CA ALA B 83 26.08 12.39 8.74
C ALA B 83 25.67 13.85 8.53
N ASP B 84 26.50 14.64 7.83
CA ASP B 84 26.35 16.09 7.87
C ASP B 84 26.01 16.73 6.51
N ASN B 85 26.00 18.05 6.54
CA ASN B 85 25.57 18.92 5.49
C ASN B 85 26.79 19.67 4.96
N TYR B 86 26.72 20.03 3.68
CA TYR B 86 27.58 21.03 3.06
C TYR B 86 27.76 22.25 3.98
N TYR B 87 26.64 22.69 4.58
CA TYR B 87 26.65 23.80 5.51
C TYR B 87 27.09 23.29 6.89
N GLY B 88 28.33 23.54 7.23
CA GLY B 88 28.90 23.07 8.49
C GLY B 88 28.12 23.60 9.69
N TRP B 89 27.69 24.86 9.65
CA TRP B 89 26.95 25.41 10.79
C TRP B 89 25.71 24.57 11.14
N MET B 90 25.27 23.65 10.30
CA MET B 90 24.03 22.87 10.65
C MET B 90 24.32 21.76 11.67
N SER B 91 25.56 21.22 11.73
CA SER B 91 25.84 20.05 12.55
C SER B 91 25.71 20.40 14.04
N ALA B 92 25.78 21.69 14.40
CA ALA B 92 25.56 22.10 15.80
C ALA B 92 24.15 21.71 16.22
N TYR B 93 23.18 21.86 15.32
CA TYR B 93 21.78 21.77 15.66
C TYR B 93 21.20 20.41 15.24
N ARG B 94 21.71 19.79 14.16
CA ARG B 94 21.14 18.53 13.64
C ARG B 94 22.07 17.89 12.57
N HIS B 95 22.17 16.57 12.57
CA HIS B 95 22.80 15.84 11.47
C HIS B 95 21.80 15.68 10.31
N THR B 96 22.03 16.39 9.18
CA THR B 96 21.06 16.47 8.11
C THR B 96 21.53 15.72 6.85
N GLY B 97 22.70 15.08 6.93
CA GLY B 97 23.13 14.19 5.90
C GLY B 97 22.19 13.00 5.81
N LEU B 98 22.40 12.18 4.77
CA LEU B 98 21.66 10.92 4.56
C LEU B 98 21.64 10.08 5.84
N ALA B 99 22.79 9.93 6.49
CA ALA B 99 22.89 9.07 7.74
C ALA B 99 22.00 9.61 8.88
N GLY B 100 21.98 10.96 8.97
CA GLY B 100 21.16 11.75 9.91
C GLY B 100 19.66 11.61 9.64
N GLN B 101 19.29 11.69 8.37
CA GLN B 101 17.92 11.53 7.94
C GLN B 101 17.41 10.12 8.23
N VAL B 102 18.21 9.11 7.94
CA VAL B 102 17.88 7.72 8.23
C VAL B 102 17.67 7.57 9.76
N ASP B 103 18.61 8.08 10.53
CA ASP B 103 18.56 8.05 11.97
C ASP B 103 17.28 8.63 12.52
N ALA B 104 16.93 9.81 12.05
CA ALA B 104 15.84 10.49 12.65
C ALA B 104 14.52 9.80 12.23
N TYR B 105 14.46 9.30 10.99
CA TYR B 105 13.29 8.54 10.52
C TYR B 105 13.01 7.34 11.44
N LEU B 106 14.00 6.47 11.65
CA LEU B 106 13.89 5.28 12.51
C LEU B 106 13.56 5.68 13.96
N ALA B 107 14.11 6.81 14.44
CA ALA B 107 13.83 7.33 15.81
C ALA B 107 12.37 7.81 15.89
N THR B 108 11.87 8.31 14.79
CA THR B 108 10.53 8.86 14.74
C THR B 108 9.50 7.73 14.76
N LEU B 109 9.89 6.53 14.35
CA LEU B 109 8.92 5.44 14.38
C LEU B 109 8.49 5.22 15.84
N ASP B 110 9.49 5.29 16.73
CA ASP B 110 9.33 5.05 18.14
C ASP B 110 8.68 3.70 18.52
N GLY B 111 9.36 2.59 18.22
CA GLY B 111 8.80 1.27 18.45
C GLY B 111 8.21 0.70 17.18
N LYS B 112 7.47 1.52 16.40
CA LYS B 112 6.57 1.01 15.39
C LYS B 112 7.35 0.49 14.17
N PRO B 113 6.76 -0.49 13.50
CA PRO B 113 7.43 -1.18 12.43
C PRO B 113 7.65 -0.30 11.19
N VAL B 114 8.68 -0.60 10.43
CA VAL B 114 8.82 0.00 9.09
C VAL B 114 7.70 -0.53 8.18
N ASP B 115 7.10 0.38 7.42
CA ASP B 115 6.17 0.07 6.33
C ASP B 115 6.96 -0.70 5.27
N GLY B 116 6.72 -2.01 5.24
CA GLY B 116 7.40 -2.86 4.30
C GLY B 116 6.87 -2.65 2.89
N GLN B 117 5.80 -1.84 2.74
CA GLN B 117 5.26 -1.50 1.35
C GLN B 117 5.72 -0.09 0.89
N ALA B 118 6.34 0.66 1.76
CA ALA B 118 6.80 2.02 1.43
C ALA B 118 8.03 1.95 0.53
N LEU B 119 8.09 2.88 -0.44
CA LEU B 119 9.25 3.03 -1.35
C LEU B 119 10.28 3.89 -0.63
N HIS B 120 11.44 3.31 -0.38
CA HIS B 120 12.54 4.12 0.20
C HIS B 120 13.41 4.68 -0.94
N PHE B 121 13.31 5.98 -1.09
CA PHE B 121 13.90 6.72 -2.22
C PHE B 121 15.13 7.45 -1.71
N ILE B 122 16.26 7.18 -2.33
CA ILE B 122 17.51 7.76 -1.92
C ILE B 122 18.18 8.44 -3.11
N PHE B 123 18.43 9.73 -2.96
CA PHE B 123 19.05 10.52 -4.03
C PHE B 123 20.07 11.45 -3.37
N VAL B 124 21.31 11.04 -3.41
CA VAL B 124 22.28 11.87 -2.67
C VAL B 124 23.67 11.74 -3.30
N SER B 125 24.53 12.77 -3.06
CA SER B 125 26.01 12.63 -3.22
C SER B 125 26.64 13.89 -3.86
N ALA B 126 25.90 14.56 -4.72
CA ALA B 126 26.42 15.85 -5.24
C ALA B 126 27.21 16.57 -4.15
N ASN B 127 26.67 16.66 -2.94
CA ASN B 127 27.24 17.59 -1.98
C ASN B 127 28.57 17.07 -1.45
N ASP B 128 28.82 15.75 -1.52
CA ASP B 128 30.12 15.18 -1.18
C ASP B 128 31.18 15.81 -2.11
N PHE B 129 30.83 15.94 -3.39
CA PHE B 129 31.73 16.57 -4.40
C PHE B 129 31.78 18.10 -4.19
N PHE B 130 30.65 18.79 -4.00
CA PHE B 130 30.68 20.25 -3.94
C PHE B 130 31.51 20.71 -2.73
N GLU B 131 31.36 20.02 -1.59
CA GLU B 131 32.02 20.43 -0.39
C GLU B 131 33.53 20.17 -0.53
N HIS B 132 33.89 19.02 -1.12
CA HIS B 132 35.26 18.65 -1.37
C HIS B 132 36.00 19.69 -2.23
N GLU B 133 35.34 20.12 -3.29
CA GLU B 133 35.90 21.05 -4.17
C GLU B 133 35.86 22.46 -3.59
N ASP B 134 34.76 22.88 -3.00
CA ASP B 134 34.69 24.25 -2.51
C ASP B 134 35.56 24.57 -1.33
N PHE B 135 35.92 23.58 -0.50
CA PHE B 135 36.68 23.78 0.75
C PHE B 135 38.00 23.01 0.65
N ALA B 136 38.49 22.82 -0.55
CA ALA B 136 39.76 22.22 -0.80
C ALA B 136 39.95 20.96 0.06
N GLY B 137 39.09 19.97 -0.07
CA GLY B 137 39.33 18.66 0.49
C GLY B 137 40.50 18.02 -0.22
N GLU B 138 41.19 17.10 0.46
CA GLU B 138 42.58 16.68 0.14
C GLU B 138 42.58 15.22 -0.32
N GLN B 139 41.52 14.52 -0.06
CA GLN B 139 41.36 13.14 -0.41
C GLN B 139 41.21 13.06 -1.94
N PRO B 140 41.86 12.06 -2.63
CA PRO B 140 41.67 11.80 -4.03
C PRO B 140 40.19 11.55 -4.33
N LEU B 141 39.73 11.96 -5.50
CA LEU B 141 38.32 11.81 -5.84
C LEU B 141 37.91 10.33 -5.90
N GLU B 142 38.78 9.37 -6.24
CA GLU B 142 38.48 7.92 -6.25
C GLU B 142 38.08 7.45 -4.84
N GLN B 143 38.77 7.98 -3.84
CA GLN B 143 38.51 7.67 -2.44
C GLN B 143 37.25 8.41 -2.00
N LEU B 144 37.03 9.65 -2.45
CA LEU B 144 35.80 10.32 -2.11
C LEU B 144 34.59 9.54 -2.65
N ALA B 145 34.70 9.06 -3.89
CA ALA B 145 33.64 8.31 -4.51
C ALA B 145 33.39 7.02 -3.69
N GLY B 146 34.46 6.34 -3.27
CA GLY B 146 34.34 5.12 -2.49
C GLY B 146 33.58 5.33 -1.18
N SER B 147 33.87 6.46 -0.54
CA SER B 147 33.16 6.96 0.62
C SER B 147 31.65 7.18 0.35
N SER B 148 31.35 7.94 -0.74
CA SER B 148 29.97 8.18 -1.12
C SER B 148 29.29 6.84 -1.33
N VAL B 149 29.91 5.95 -2.12
CA VAL B 149 29.28 4.69 -2.38
C VAL B 149 29.03 3.94 -1.06
N ALA B 150 30.04 3.85 -0.19
CA ALA B 150 29.92 3.10 1.08
C ALA B 150 28.80 3.70 1.93
N ASN B 151 28.65 5.03 1.91
CA ASN B 151 27.65 5.68 2.71
C ASN B 151 26.25 5.35 2.16
N ILE B 152 26.10 5.32 0.84
CA ILE B 152 24.79 5.06 0.33
C ILE B 152 24.45 3.58 0.61
N ARG B 153 25.40 2.67 0.42
CA ARG B 153 25.16 1.28 0.69
C ARG B 153 24.80 1.09 2.17
N ALA B 154 25.48 1.82 3.06
CA ALA B 154 25.14 1.82 4.51
C ALA B 154 23.70 2.24 4.78
N ALA B 155 23.23 3.33 4.18
CA ALA B 155 21.86 3.78 4.34
C ALA B 155 20.88 2.68 3.94
N VAL B 156 21.11 2.04 2.81
CA VAL B 156 20.25 1.02 2.37
C VAL B 156 20.34 -0.16 3.37
N GLN B 157 21.53 -0.51 3.85
CA GLN B 157 21.69 -1.67 4.74
C GLN B 157 20.93 -1.40 6.04
N ARG B 158 21.06 -0.19 6.56
CA ARG B 158 20.43 0.20 7.82
C ARG B 158 18.91 0.29 7.69
N LEU B 159 18.43 0.83 6.57
CA LEU B 159 16.98 0.88 6.40
C LEU B 159 16.44 -0.55 6.29
N GLY B 160 17.13 -1.39 5.53
CA GLY B 160 16.66 -2.77 5.32
C GLY B 160 16.74 -3.62 6.58
N GLU B 161 17.73 -3.39 7.43
CA GLU B 161 17.89 -4.06 8.70
C GLU B 161 16.65 -3.79 9.58
N ALA B 162 16.22 -2.52 9.57
CA ALA B 162 15.09 -2.06 10.34
C ALA B 162 13.77 -2.59 9.78
N GLY B 163 13.76 -3.10 8.54
CA GLY B 163 12.55 -3.71 7.98
C GLY B 163 12.14 -3.11 6.64
N ALA B 164 13.00 -2.32 5.99
CA ALA B 164 12.56 -1.74 4.69
C ALA B 164 12.77 -2.79 3.59
N ARG B 165 11.92 -2.83 2.55
CA ARG B 165 12.01 -3.87 1.58
C ARG B 165 12.12 -3.29 0.18
N ARG B 166 11.67 -2.07 0.02
CA ARG B 166 11.57 -1.49 -1.28
C ARG B 166 12.39 -0.20 -1.32
N PHE B 167 13.21 -0.13 -2.40
CA PHE B 167 14.10 0.99 -2.63
C PHE B 167 14.13 1.41 -4.09
N LEU B 168 14.30 2.71 -4.21
CA LEU B 168 14.66 3.43 -5.47
C LEU B 168 15.91 4.30 -5.17
N VAL B 169 17.03 3.93 -5.76
CA VAL B 169 18.29 4.66 -5.55
C VAL B 169 18.65 5.40 -6.85
N VAL B 170 18.80 6.72 -6.76
CA VAL B 170 19.19 7.49 -7.88
C VAL B 170 20.74 7.56 -7.94
N SER B 171 21.29 7.45 -9.15
CA SER B 171 22.71 7.65 -9.37
C SER B 171 23.14 9.10 -9.16
N SER B 172 24.45 9.28 -9.22
CA SER B 172 24.97 10.60 -9.39
C SER B 172 24.34 11.21 -10.65
N THR B 173 23.95 12.46 -10.53
CA THR B 173 23.63 13.32 -11.65
C THR B 173 24.90 13.63 -12.41
N ASP B 174 24.66 14.23 -13.59
CA ASP B 174 25.79 14.71 -14.38
C ASP B 174 26.34 16.00 -13.84
N LEU B 175 27.19 15.86 -12.82
CA LEU B 175 27.82 17.03 -12.13
C LEU B 175 28.62 17.86 -13.13
N SER B 176 29.10 17.19 -14.17
CA SER B 176 30.04 17.78 -15.12
C SER B 176 29.44 18.92 -15.98
N VAL B 177 28.09 19.09 -15.98
CA VAL B 177 27.43 20.10 -16.80
C VAL B 177 26.76 21.12 -15.89
N VAL B 178 26.94 20.99 -14.56
CA VAL B 178 26.35 21.95 -13.60
C VAL B 178 27.05 23.30 -13.81
N PRO B 179 26.30 24.40 -13.86
CA PRO B 179 27.00 25.65 -14.24
C PRO B 179 28.13 26.04 -13.26
N ALA B 180 27.93 25.81 -11.97
CA ALA B 180 28.93 26.17 -10.94
C ALA B 180 30.21 25.38 -11.16
N VAL B 181 30.06 24.14 -11.67
CA VAL B 181 31.21 23.30 -11.92
C VAL B 181 31.94 23.81 -13.16
N VAL B 182 31.15 24.16 -14.18
CA VAL B 182 31.73 24.73 -15.39
C VAL B 182 32.51 26.00 -15.03
N ALA B 183 31.88 26.88 -14.23
CA ALA B 183 32.45 28.20 -13.84
C ALA B 183 33.73 27.98 -13.00
N GLY B 184 33.77 26.87 -12.22
CA GLY B 184 34.99 26.49 -11.47
C GLY B 184 36.05 25.71 -12.26
N ASN B 185 35.86 25.55 -13.56
CA ASN B 185 36.78 24.83 -14.43
C ASN B 185 37.06 23.43 -13.90
N ARG B 186 36.02 22.75 -13.42
CA ARG B 186 36.10 21.43 -12.66
C ARG B 186 35.36 20.30 -13.38
N VAL B 187 35.27 20.43 -14.70
CA VAL B 187 34.46 19.52 -15.52
C VAL B 187 35.12 18.13 -15.46
N GLU B 188 36.44 18.04 -15.64
CA GLU B 188 37.09 16.72 -15.63
C GLU B 188 37.00 16.04 -14.24
N ARG B 189 37.16 16.78 -13.15
CA ARG B 189 37.00 16.22 -11.78
C ARG B 189 35.56 15.71 -11.55
N ALA B 190 34.55 16.49 -11.93
CA ALA B 190 33.15 16.04 -11.95
C ALA B 190 33.01 14.76 -12.73
N GLN B 191 33.52 14.70 -13.95
CA GLN B 191 33.42 13.47 -14.74
C GLN B 191 33.98 12.28 -13.97
N ARG B 192 35.11 12.46 -13.31
CA ARG B 192 35.88 11.37 -12.81
C ARG B 192 35.17 10.78 -11.59
N TYR B 193 34.71 11.69 -10.74
CA TYR B 193 33.95 11.39 -9.56
C TYR B 193 32.62 10.70 -9.92
N LEU B 194 31.83 11.27 -10.81
CA LEU B 194 30.52 10.65 -11.03
C LEU B 194 30.69 9.28 -11.71
N GLN B 195 31.72 9.09 -12.54
CA GLN B 195 31.86 7.82 -13.23
C GLN B 195 32.25 6.76 -12.20
N ALA B 196 33.07 7.15 -11.21
CA ALA B 196 33.49 6.22 -10.22
C ALA B 196 32.31 5.82 -9.29
N VAL B 197 31.52 6.78 -8.78
CA VAL B 197 30.26 6.50 -8.04
C VAL B 197 29.35 5.60 -8.90
N ASN B 198 29.09 5.97 -10.16
CA ASN B 198 28.06 5.33 -10.94
C ASN B 198 28.55 3.97 -11.40
N ALA B 199 29.85 3.70 -11.50
CA ALA B 199 30.29 2.32 -11.83
C ALA B 199 30.24 1.43 -10.58
N SER B 200 30.52 1.97 -9.41
CA SER B 200 30.65 1.16 -8.18
C SER B 200 29.29 0.91 -7.51
N LEU B 201 28.45 1.94 -7.36
CA LEU B 201 27.28 1.83 -6.51
C LEU B 201 26.33 0.70 -6.97
N PRO B 202 25.98 0.64 -8.24
CA PRO B 202 25.02 -0.38 -8.67
C PRO B 202 25.53 -1.80 -8.44
N ILE B 203 26.84 -2.02 -8.53
CA ILE B 203 27.40 -3.38 -8.26
C ILE B 203 27.10 -3.73 -6.80
N GLN B 204 27.32 -2.76 -5.91
CA GLN B 204 27.16 -2.99 -4.46
C GLN B 204 25.67 -3.12 -4.10
N LEU B 205 24.85 -2.26 -4.70
CA LEU B 205 23.43 -2.34 -4.42
C LEU B 205 22.87 -3.64 -4.99
N ALA B 206 23.39 -4.18 -6.10
CA ALA B 206 22.87 -5.45 -6.63
C ALA B 206 23.14 -6.57 -5.62
N ALA B 207 24.33 -6.57 -4.99
CA ALA B 207 24.65 -7.63 -3.97
C ALA B 207 23.68 -7.52 -2.80
N LEU B 208 23.48 -6.29 -2.31
CA LEU B 208 22.60 -6.06 -1.16
C LEU B 208 21.19 -6.58 -1.48
N ARG B 209 20.73 -6.28 -2.70
CA ARG B 209 19.37 -6.56 -3.11
C ARG B 209 19.15 -8.07 -3.06
N LYS B 210 20.14 -8.80 -3.52
CA LYS B 210 20.06 -10.24 -3.60
C LYS B 210 20.21 -10.84 -2.19
N THR B 211 21.12 -10.35 -1.39
CA THR B 211 21.27 -10.90 -0.02
C THR B 211 19.98 -10.75 0.78
N ARG B 212 19.45 -9.53 0.77
CA ARG B 212 18.33 -9.20 1.61
C ARG B 212 16.96 -9.43 0.93
N GLY B 213 16.91 -10.09 -0.22
CA GLY B 213 15.67 -10.23 -1.00
C GLY B 213 14.93 -8.91 -1.13
N LEU B 214 15.62 -7.81 -1.51
CA LEU B 214 14.99 -6.48 -1.59
C LEU B 214 14.40 -6.26 -2.99
N GLU B 215 13.45 -5.36 -3.05
CA GLU B 215 13.03 -4.72 -4.33
C GLU B 215 13.85 -3.43 -4.49
N LEU B 216 14.87 -3.46 -5.32
CA LEU B 216 15.72 -2.27 -5.39
C LEU B 216 15.87 -1.86 -6.87
N SER B 217 15.43 -0.67 -7.20
CA SER B 217 15.60 -0.16 -8.57
C SER B 217 16.66 0.92 -8.57
N TRP B 218 17.38 0.99 -9.68
CA TRP B 218 18.45 1.93 -9.87
C TRP B 218 18.02 2.89 -10.98
N PHE B 219 18.01 4.21 -10.70
CA PHE B 219 17.72 5.22 -11.72
C PHE B 219 19.02 5.83 -12.25
N ASP B 220 19.31 5.62 -13.52
CA ASP B 220 20.55 6.16 -14.08
C ASP B 220 20.26 7.61 -14.60
N HIS B 221 20.53 8.58 -13.75
CA HIS B 221 20.17 9.99 -13.95
C HIS B 221 21.02 10.57 -15.07
N LEU B 222 22.21 10.02 -15.21
CA LEU B 222 23.11 10.42 -16.26
C LEU B 222 22.63 9.93 -17.63
N THR B 223 22.08 8.73 -17.74
CA THR B 223 21.49 8.32 -19.07
C THR B 223 20.32 9.23 -19.44
N PHE B 224 19.53 9.48 -18.42
CA PHE B 224 18.44 10.34 -18.54
C PHE B 224 18.86 11.73 -19.01
N SER B 225 19.85 12.36 -18.36
CA SER B 225 20.21 13.77 -18.77
C SER B 225 20.87 13.78 -20.15
N ARG B 226 21.62 12.73 -20.51
CA ARG B 226 22.23 12.70 -21.85
C ARG B 226 21.14 12.72 -22.93
N HIS B 227 20.09 11.92 -22.73
CA HIS B 227 18.91 11.99 -23.57
C HIS B 227 18.33 13.41 -23.67
N LEU B 228 17.99 14.08 -22.57
CA LEU B 228 17.41 15.41 -22.68
C LEU B 228 18.38 16.34 -23.39
N ARG B 229 19.69 16.22 -23.08
CA ARG B 229 20.63 17.26 -23.51
C ARG B 229 21.07 17.05 -24.96
N ARG B 230 20.91 15.88 -25.48
CA ARG B 230 21.26 15.66 -26.86
C ARG B 230 20.12 16.13 -27.78
N ASN B 231 18.86 16.01 -27.35
CA ASN B 231 17.73 16.33 -28.20
C ASN B 231 16.79 17.24 -27.41
N PRO B 232 17.28 18.41 -27.03
CA PRO B 232 16.43 19.21 -26.17
C PRO B 232 15.06 19.65 -26.71
N ALA B 233 14.98 19.92 -28.00
CA ALA B 233 13.72 20.52 -28.54
C ALA B 233 12.57 19.52 -28.36
N ARG B 234 12.90 18.22 -28.45
CA ARG B 234 11.97 17.11 -28.26
C ARG B 234 11.27 17.25 -26.91
N TYR B 235 11.90 17.93 -25.92
CA TYR B 235 11.40 17.99 -24.52
C TYR B 235 10.94 19.44 -24.21
N GLY B 236 10.91 20.27 -25.25
CA GLY B 236 10.62 21.67 -25.15
C GLY B 236 11.75 22.42 -24.46
N LEU B 237 12.98 21.89 -24.50
CA LEU B 237 14.07 22.70 -23.89
C LEU B 237 14.89 23.46 -24.95
N VAL B 238 15.34 24.65 -24.56
CA VAL B 238 16.15 25.48 -25.46
C VAL B 238 17.51 25.80 -24.83
N GLU B 239 17.58 26.23 -23.57
CA GLU B 239 18.84 26.68 -22.97
C GLU B 239 19.35 25.68 -21.91
N LEU B 240 20.49 25.08 -22.19
CA LEU B 240 20.98 23.96 -21.46
C LEU B 240 22.05 24.35 -20.44
N ASP B 241 22.67 25.52 -20.57
CA ASP B 241 23.87 25.86 -19.78
C ASP B 241 23.70 27.07 -18.92
N ALA B 242 22.89 28.03 -19.31
CA ALA B 242 22.78 29.22 -18.49
C ALA B 242 21.66 29.06 -17.45
N PRO B 243 21.91 29.57 -16.26
CA PRO B 243 20.80 29.49 -15.31
C PRO B 243 19.68 30.45 -15.68
N CYS B 244 18.42 30.09 -15.43
CA CYS B 244 17.33 30.98 -15.63
C CYS B 244 17.38 32.10 -14.59
N GLN B 245 17.79 31.76 -13.37
CA GLN B 245 17.79 32.66 -12.23
C GLN B 245 19.23 32.73 -11.69
N PRO B 246 19.99 33.72 -12.13
CA PRO B 246 21.37 33.79 -11.67
C PRO B 246 21.40 34.32 -10.22
N THR B 247 22.23 33.71 -9.39
CA THR B 247 22.38 34.09 -8.00
C THR B 247 23.83 34.49 -7.71
N GLN B 248 24.75 34.18 -8.64
CA GLN B 248 26.20 34.37 -8.47
C GLN B 248 26.73 35.33 -9.56
N PRO B 249 27.51 36.35 -9.11
CA PRO B 249 27.87 36.57 -7.70
C PRO B 249 26.71 37.19 -6.90
N SER B 250 25.69 37.70 -7.59
CA SER B 250 24.52 38.24 -6.91
C SER B 250 23.29 37.97 -7.77
N VAL B 251 22.13 38.23 -7.19
CA VAL B 251 20.87 37.91 -7.80
C VAL B 251 20.63 38.87 -8.96
N ARG B 252 20.22 38.31 -10.11
CA ARG B 252 19.87 39.08 -11.31
C ARG B 252 18.49 38.65 -11.81
N PRO B 253 17.90 39.42 -12.74
CA PRO B 253 16.55 39.10 -13.20
C PRO B 253 16.48 37.68 -13.76
N ALA B 254 15.38 37.00 -13.46
CA ALA B 254 15.14 35.64 -13.99
C ALA B 254 14.69 35.74 -15.45
N CYS B 255 14.99 34.71 -16.24
CA CYS B 255 14.53 34.62 -17.64
C CYS B 255 12.99 34.53 -17.73
N ALA B 256 12.47 34.92 -18.89
CA ALA B 256 11.03 34.94 -19.21
C ALA B 256 10.46 33.52 -19.43
N ASN B 257 11.25 32.59 -19.94
CA ASN B 257 10.75 31.28 -20.40
C ASN B 257 11.41 30.16 -19.59
N PRO B 258 11.18 30.15 -18.28
CA PRO B 258 11.89 29.19 -17.48
C PRO B 258 11.62 27.73 -17.87
N ASP B 259 10.46 27.39 -18.46
CA ASP B 259 10.16 26.01 -18.82
C ASP B 259 10.95 25.55 -20.04
N GLN B 260 11.70 26.48 -20.65
CA GLN B 260 12.64 26.15 -21.72
C GLN B 260 14.08 26.05 -21.16
N TYR B 261 14.30 26.20 -19.84
CA TYR B 261 15.68 26.17 -19.32
C TYR B 261 15.95 24.87 -18.56
N TYR B 262 17.12 24.29 -18.77
CA TYR B 262 17.57 23.15 -17.98
C TYR B 262 17.87 23.55 -16.53
N PHE B 263 18.63 24.66 -16.29
CA PHE B 263 19.03 25.02 -14.94
C PHE B 263 18.20 26.19 -14.41
N TRP B 264 17.77 26.09 -13.15
CA TRP B 264 17.17 27.22 -12.48
C TRP B 264 18.28 28.13 -11.94
N ASP B 265 19.15 27.61 -11.10
CA ASP B 265 20.28 28.39 -10.62
C ASP B 265 21.57 27.69 -10.99
N GLU B 266 22.71 27.98 -10.32
CA GLU B 266 23.99 27.47 -10.79
C GLU B 266 24.16 26.01 -10.38
N TRP B 267 23.24 25.45 -9.60
CA TRP B 267 23.40 24.07 -9.17
C TRP B 267 22.17 23.24 -9.52
N HIS B 268 20.98 23.86 -9.56
CA HIS B 268 19.72 23.10 -9.52
C HIS B 268 18.96 23.18 -10.85
N PRO B 269 18.40 22.04 -11.30
CA PRO B 269 17.51 22.01 -12.47
C PRO B 269 16.18 22.72 -12.18
N THR B 270 15.52 23.11 -13.26
CA THR B 270 14.22 23.76 -13.24
C THR B 270 13.14 22.72 -13.01
N ARG B 271 11.95 23.22 -12.71
CA ARG B 271 10.81 22.36 -12.44
C ARG B 271 10.49 21.50 -13.67
N ARG B 272 10.79 22.01 -14.87
CA ARG B 272 10.48 21.24 -16.07
C ARG B 272 11.41 20.01 -16.18
N VAL B 273 12.66 20.16 -15.76
CA VAL B 273 13.59 19.06 -15.70
C VAL B 273 13.15 18.13 -14.55
N HIS B 274 12.73 18.71 -13.43
CA HIS B 274 12.28 17.84 -12.31
C HIS B 274 11.07 17.03 -12.79
N GLN B 275 10.24 17.66 -13.61
CA GLN B 275 9.00 17.02 -14.06
C GLN B 275 9.38 15.77 -14.86
N LEU B 276 10.29 15.99 -15.82
CA LEU B 276 10.70 14.95 -16.70
C LEU B 276 11.39 13.84 -15.92
N ALA B 277 12.22 14.19 -14.94
CA ALA B 277 12.92 13.18 -14.19
C ALA B 277 11.93 12.32 -13.38
N GLY B 278 11.01 12.98 -12.72
CA GLY B 278 10.04 12.26 -11.91
C GLY B 278 9.16 11.36 -12.75
N GLU B 279 8.77 11.83 -13.92
CA GLU B 279 8.06 10.94 -14.88
C GLU B 279 8.90 9.73 -15.28
N ALA B 280 10.18 9.91 -15.56
CA ALA B 280 11.11 8.79 -15.93
C ALA B 280 11.34 7.79 -14.78
N MET B 281 11.46 8.30 -13.59
CA MET B 281 11.64 7.47 -12.38
C MET B 281 10.39 6.58 -12.20
N ALA B 282 9.23 7.16 -12.38
CA ALA B 282 7.93 6.45 -12.22
C ALA B 282 7.74 5.29 -13.22
N ALA B 283 8.45 5.32 -14.36
CA ALA B 283 8.19 4.43 -15.48
C ALA B 283 8.51 2.94 -15.18
N ARG B 284 9.22 2.59 -14.11
CA ARG B 284 9.44 1.17 -13.91
CA ARG B 284 9.49 1.19 -13.82
C ARG B 284 8.31 0.60 -13.02
N TYR B 285 7.39 1.47 -12.55
CA TYR B 285 6.37 1.02 -11.62
C TYR B 285 4.98 1.02 -12.30
N ALA B 286 4.13 0.06 -11.91
CA ALA B 286 2.71 0.11 -12.23
C ALA B 286 2.04 1.23 -11.40
N ARG B 287 1.06 1.88 -11.99
CA ARG B 287 0.25 2.84 -11.30
C ARG B 287 -0.72 2.17 -10.29
CAA QFJ C . -31.43 -16.21 7.17
CAC QFJ C . -29.27 -15.97 8.07
CAD QFJ C . -29.48 -16.74 5.85
CAE QFJ C . -29.87 -14.52 6.30
CAF QFJ C . -28.45 -13.97 5.96
CAH QFJ C . -25.41 -14.56 5.84
CAI QFJ C . -24.38 -15.74 5.94
CAK QFJ C . -25.22 -16.57 6.90
NAB QFJ C . -30.04 -15.87 6.84
OAJ QFJ C . -25.26 -13.71 5.11
SAG QFJ C . -26.88 -14.29 6.93
I IOD D . -33.70 -22.12 13.77
C1 PPI E . 22.32 20.64 -3.10
C2 PPI E . 22.90 20.06 -4.39
C3 PPI E . 22.58 18.59 -4.37
O1 PPI E . 22.44 21.89 -2.93
O2 PPI E . 21.75 19.89 -2.27
SD ETM F . 27.10 28.13 -2.21
C1 ETM F . 25.72 26.93 -2.15
C2 ETM F . 26.13 25.54 -2.68
N1 ETM F . 25.14 24.43 -2.55
C3 ETM F . 23.94 24.77 -3.31
C4 ETM F . 24.70 24.13 -1.19
C5 ETM F . 25.77 23.22 -3.09
I IOD G . 29.17 30.04 -9.61
#